data_3N3W
#
_entry.id   3N3W
#
_cell.length_a   62.099
_cell.length_b   98.252
_cell.length_c   118.410
_cell.angle_alpha   90.00
_cell.angle_beta   90.00
_cell.angle_gamma   90.00
#
_symmetry.space_group_name_H-M   'C 2 2 21'
#
loop_
_entity.id
_entity.type
_entity.pdbx_description
1 polymer 'Ribonuclease III'
2 water water
#
_entity_poly.entity_id   1
_entity_poly.type   'polypeptide(L)'
_entity_poly.pdbx_seq_one_letter_code
;MHHHHHHSSGVDLGTENLYFQSNAMKNIEKLEQSLTYEFKDKNLLIHALTHKSFKKSYNNERLEFLGDAVLDLVVGEYLF
HKFAKDAEGDLSKLRAALVNEKSFAKIANSLNLGDFILMSVAEENNGGKEKPSILSDALEAIIGAIHLEAGFEFAKTIAL
RLIEKNFPQIDAKILIKDYKTKLQEITQGKIGQTPQYETVRAFGPDHLKQFEIALMLDGKELARAIAGSKKEAQQMAAKI
ALEKLGAL
;
_entity_poly.pdbx_strand_id   A,B
#
# COMPACT_ATOMS: atom_id res chain seq x y z
N MET A 25 28.22 0.94 -11.62
CA MET A 25 27.53 -0.03 -12.51
C MET A 25 27.45 0.47 -13.96
N LYS A 26 27.96 -0.35 -14.88
CA LYS A 26 27.99 -0.02 -16.31
C LYS A 26 26.60 -0.03 -16.96
N ASN A 27 26.37 0.95 -17.82
CA ASN A 27 25.10 1.08 -18.55
C ASN A 27 23.90 1.37 -17.64
N ILE A 28 24.12 1.67 -16.36
CA ILE A 28 23.01 1.95 -15.45
C ILE A 28 22.16 3.12 -15.98
N GLU A 29 22.81 4.06 -16.64
N GLU A 29 22.81 4.07 -16.65
CA GLU A 29 22.16 5.23 -17.22
CA GLU A 29 22.13 5.23 -17.21
C GLU A 29 21.02 4.81 -18.15
C GLU A 29 21.00 4.81 -18.15
N LYS A 30 21.16 3.67 -18.81
CA LYS A 30 20.13 3.18 -19.71
C LYS A 30 18.88 2.68 -18.96
N LEU A 31 19.07 2.17 -17.74
CA LEU A 31 17.91 1.74 -16.95
C LEU A 31 17.14 2.99 -16.55
N GLU A 32 17.87 3.99 -16.11
CA GLU A 32 17.26 5.27 -15.73
C GLU A 32 16.49 5.90 -16.90
N GLN A 33 17.04 5.87 -18.11
CA GLN A 33 16.32 6.42 -19.26
C GLN A 33 15.03 5.67 -19.51
N SER A 34 15.09 4.33 -19.45
CA SER A 34 13.90 3.46 -19.61
C SER A 34 12.79 3.74 -18.59
N LEU A 35 13.15 4.06 -17.34
CA LEU A 35 12.20 4.39 -16.27
C LEU A 35 11.74 5.84 -16.30
N THR A 36 12.59 6.68 -16.88
CA THR A 36 12.43 8.12 -16.95
C THR A 36 12.64 8.71 -15.57
N TYR A 37 13.46 8.02 -14.78
CA TYR A 37 13.82 8.47 -13.44
C TYR A 37 15.29 8.22 -13.23
N GLU A 38 15.95 9.26 -12.77
CA GLU A 38 17.38 9.26 -12.51
C GLU A 38 17.52 9.41 -11.00
N PHE A 39 18.18 8.45 -10.36
CA PHE A 39 18.32 8.44 -8.91
C PHE A 39 19.31 9.46 -8.42
N LYS A 40 18.98 10.12 -7.32
CA LYS A 40 19.92 11.04 -6.71
C LYS A 40 21.01 10.23 -6.00
N ASP A 41 20.64 9.13 -5.36
CA ASP A 41 21.61 8.27 -4.71
C ASP A 41 21.68 7.04 -5.56
N LYS A 42 22.72 6.90 -6.37
N LYS A 42 22.73 6.90 -6.38
CA LYS A 42 22.86 5.74 -7.25
CA LYS A 42 22.87 5.72 -7.24
C LYS A 42 23.01 4.42 -6.50
C LYS A 42 22.92 4.43 -6.45
N ASN A 43 23.54 4.48 -5.28
CA ASN A 43 23.68 3.30 -4.44
C ASN A 43 22.34 2.75 -4.01
N LEU A 44 21.30 3.58 -4.01
CA LEU A 44 19.94 3.11 -3.67
C LEU A 44 19.41 2.21 -4.76
N LEU A 45 19.64 2.60 -6.00
CA LEU A 45 19.26 1.82 -7.17
C LEU A 45 20.07 0.52 -7.20
N ILE A 46 21.37 0.61 -6.93
CA ILE A 46 22.20 -0.57 -6.89
C ILE A 46 21.65 -1.53 -5.81
N HIS A 47 21.22 -0.99 -4.68
CA HIS A 47 20.68 -1.77 -3.57
C HIS A 47 19.48 -2.59 -4.08
N ALA A 48 18.60 -1.89 -4.81
CA ALA A 48 17.39 -2.47 -5.36
C ALA A 48 17.68 -3.57 -6.33
N LEU A 49 18.82 -3.49 -7.04
CA LEU A 49 19.21 -4.50 -8.04
C LEU A 49 20.09 -5.64 -7.48
N THR A 50 20.31 -5.67 -6.16
CA THR A 50 21.18 -6.67 -5.57
C THR A 50 20.39 -7.87 -5.03
N HIS A 51 20.47 -8.97 -5.79
CA HIS A 51 19.85 -10.23 -5.41
C HIS A 51 20.57 -10.77 -4.17
N LYS A 52 19.84 -11.51 -3.36
CA LYS A 52 20.33 -12.06 -2.06
C LYS A 52 21.59 -12.94 -2.07
N SER A 53 21.86 -13.58 -3.21
CA SER A 53 23.05 -14.44 -3.36
C SER A 53 24.36 -13.65 -3.49
N PHE A 54 24.25 -12.36 -3.82
CA PHE A 54 25.42 -11.56 -4.17
C PHE A 54 26.40 -11.22 -3.08
N LYS A 55 25.89 -10.62 -2.02
CA LYS A 55 26.75 -10.07 -1.00
C LYS A 55 26.09 -10.22 0.34
N LYS A 56 26.89 -10.56 1.34
CA LYS A 56 26.38 -10.80 2.68
C LYS A 56 25.84 -9.54 3.36
N SER A 57 24.64 -9.65 3.91
CA SER A 57 24.01 -8.54 4.62
C SER A 57 23.71 -7.32 3.75
N TYR A 58 23.55 -7.51 2.45
CA TYR A 58 23.20 -6.41 1.59
C TYR A 58 22.39 -6.91 0.41
N ASN A 59 21.07 -6.69 0.42
CA ASN A 59 20.23 -7.14 -0.72
C ASN A 59 18.91 -6.38 -0.88
N ASN A 60 18.17 -6.68 -1.93
CA ASN A 60 16.89 -5.97 -2.21
C ASN A 60 15.62 -6.50 -1.53
N GLU A 61 15.75 -7.46 -0.63
CA GLU A 61 14.56 -8.08 0.00
C GLU A 61 13.67 -7.07 0.72
N ARG A 62 14.25 -6.15 1.46
CA ARG A 62 13.46 -5.15 2.19
C ARG A 62 12.83 -4.09 1.27
N LEU A 63 13.56 -3.69 0.24
CA LEU A 63 13.06 -2.74 -0.75
C LEU A 63 11.94 -3.35 -1.55
N GLU A 64 12.02 -4.67 -1.76
CA GLU A 64 10.99 -5.45 -2.44
C GLU A 64 9.72 -5.47 -1.60
N PHE A 65 9.89 -5.62 -0.29
CA PHE A 65 8.76 -5.67 0.64
C PHE A 65 7.99 -4.32 0.57
N LEU A 66 8.73 -3.21 0.59
CA LEU A 66 8.15 -1.87 0.52
C LEU A 66 7.54 -1.62 -0.87
N GLY A 67 8.28 -1.98 -1.93
CA GLY A 67 7.82 -1.84 -3.29
C GLY A 67 6.52 -2.55 -3.55
N ASP A 68 6.41 -3.78 -3.04
CA ASP A 68 5.20 -4.53 -3.18
C ASP A 68 3.96 -3.75 -2.66
N ALA A 69 4.11 -3.12 -1.51
CA ALA A 69 3.02 -2.40 -0.89
C ALA A 69 2.72 -1.11 -1.68
N VAL A 70 3.77 -0.48 -2.19
CA VAL A 70 3.60 0.72 -2.98
C VAL A 70 2.73 0.38 -4.20
N LEU A 71 3.11 -0.68 -4.92
CA LEU A 71 2.39 -1.09 -6.13
C LEU A 71 0.98 -1.53 -5.81
N ASP A 72 0.78 -2.17 -4.66
CA ASP A 72 -0.57 -2.50 -4.27
C ASP A 72 -1.41 -1.23 -4.19
N LEU A 73 -0.85 -0.16 -3.63
CA LEU A 73 -1.63 1.10 -3.53
C LEU A 73 -1.77 1.76 -4.92
N VAL A 74 -0.69 1.78 -5.72
CA VAL A 74 -0.74 2.37 -7.06
C VAL A 74 -1.86 1.71 -7.86
N VAL A 75 -1.90 0.39 -7.84
CA VAL A 75 -2.88 -0.34 -8.62
C VAL A 75 -4.29 -0.29 -8.04
N GLY A 76 -4.40 -0.44 -6.73
CA GLY A 76 -5.71 -0.36 -6.08
C GLY A 76 -6.35 1.00 -6.33
N GLU A 77 -5.56 2.06 -6.20
CA GLU A 77 -6.06 3.42 -6.41
C GLU A 77 -6.50 3.63 -7.87
N TYR A 78 -5.66 3.18 -8.81
CA TYR A 78 -5.98 3.30 -10.24
C TYR A 78 -7.30 2.59 -10.57
N LEU A 79 -7.51 1.44 -9.96
CA LEU A 79 -8.73 0.68 -10.19
C LEU A 79 -9.95 1.32 -9.51
N PHE A 80 -9.75 1.89 -8.33
CA PHE A 80 -10.83 2.57 -7.62
C PHE A 80 -11.39 3.70 -8.53
N HIS A 81 -10.52 4.53 -9.11
CA HIS A 81 -10.99 5.62 -9.97
C HIS A 81 -11.54 5.16 -11.32
N LYS A 82 -10.84 4.24 -11.98
CA LYS A 82 -11.28 3.75 -13.29
C LYS A 82 -12.62 2.96 -13.26
N PHE A 83 -12.90 2.26 -12.16
CA PHE A 83 -14.15 1.48 -12.02
C PHE A 83 -15.16 2.09 -11.04
N ALA A 84 -14.99 3.37 -10.74
CA ALA A 84 -15.84 4.08 -9.80
C ALA A 84 -17.33 3.99 -10.12
N LYS A 85 -17.71 4.28 -11.37
CA LYS A 85 -19.14 4.27 -11.74
C LYS A 85 -19.62 2.88 -12.20
N ASP A 86 -19.12 1.84 -11.53
CA ASP A 86 -19.48 0.49 -11.87
C ASP A 86 -19.53 -0.34 -10.59
N ALA A 87 -20.74 -0.48 -10.04
CA ALA A 87 -20.97 -1.24 -8.79
C ALA A 87 -20.50 -2.68 -8.92
N GLU A 88 -20.55 -3.20 -10.14
CA GLU A 88 -20.09 -4.55 -10.43
C GLU A 88 -18.58 -4.47 -10.65
N GLY A 89 -17.88 -5.52 -10.27
CA GLY A 89 -16.43 -5.56 -10.48
C GLY A 89 -15.68 -5.95 -9.24
N ASP A 90 -14.72 -6.84 -9.40
CA ASP A 90 -13.90 -7.25 -8.31
C ASP A 90 -12.56 -6.57 -8.55
N LEU A 91 -12.33 -5.48 -7.81
CA LEU A 91 -11.09 -4.74 -7.97
C LEU A 91 -9.91 -5.57 -7.46
N SER A 92 -10.18 -6.45 -6.52
CA SER A 92 -9.17 -7.31 -5.97
C SER A 92 -8.63 -8.28 -7.05
N LYS A 93 -9.53 -8.82 -7.86
CA LYS A 93 -9.15 -9.73 -8.95
C LYS A 93 -8.43 -8.94 -10.02
N LEU A 94 -8.96 -7.77 -10.35
CA LEU A 94 -8.32 -6.94 -11.33
C LEU A 94 -6.89 -6.55 -10.88
N ARG A 95 -6.68 -6.31 -9.59
CA ARG A 95 -5.35 -5.94 -9.10
C ARG A 95 -4.39 -7.12 -9.20
N ALA A 96 -4.86 -8.29 -8.75
CA ALA A 96 -4.06 -9.51 -8.74
C ALA A 96 -3.54 -9.83 -10.13
N ALA A 97 -4.36 -9.59 -11.16
CA ALA A 97 -3.96 -9.83 -12.54
C ALA A 97 -2.86 -8.87 -12.98
N LEU A 98 -2.83 -7.68 -12.39
CA LEU A 98 -1.83 -6.67 -12.78
C LEU A 98 -0.54 -6.74 -11.98
N VAL A 99 -0.57 -7.15 -10.72
CA VAL A 99 0.66 -7.17 -9.92
C VAL A 99 1.25 -8.56 -9.61
N ASN A 100 0.83 -9.59 -10.32
CA ASN A 100 1.36 -10.94 -10.05
C ASN A 100 2.78 -11.11 -10.63
N GLU A 101 3.46 -12.19 -10.23
CA GLU A 101 4.83 -12.43 -10.65
C GLU A 101 5.02 -12.43 -12.18
N LYS A 102 4.07 -12.98 -12.89
CA LYS A 102 4.17 -13.08 -14.35
C LYS A 102 4.12 -11.71 -15.05
N SER A 103 3.24 -10.83 -14.57
CA SER A 103 3.12 -9.48 -15.16
C SER A 103 4.36 -8.66 -14.82
N PHE A 104 4.77 -8.70 -13.57
CA PHE A 104 5.96 -7.98 -13.14
C PHE A 104 7.24 -8.46 -13.83
N ALA A 105 7.32 -9.75 -14.15
CA ALA A 105 8.50 -10.26 -14.85
C ALA A 105 8.48 -9.75 -16.28
N LYS A 106 7.29 -9.58 -16.84
CA LYS A 106 7.15 -9.06 -18.20
C LYS A 106 7.56 -7.60 -18.22
N ILE A 107 7.08 -6.81 -17.27
CA ILE A 107 7.51 -5.41 -17.18
C ILE A 107 9.04 -5.37 -17.00
N ALA A 108 9.57 -6.18 -16.09
CA ALA A 108 11.01 -6.19 -15.83
C ALA A 108 11.81 -6.55 -17.10
N ASN A 109 11.36 -7.55 -17.87
CA ASN A 109 12.04 -7.88 -19.10
C ASN A 109 11.96 -6.75 -20.14
N SER A 110 10.91 -5.91 -20.08
CA SER A 110 10.82 -4.77 -21.01
C SER A 110 11.92 -3.74 -20.63
N LEU A 111 12.31 -3.69 -19.36
CA LEU A 111 13.37 -2.80 -18.90
C LEU A 111 14.76 -3.44 -18.95
N ASN A 112 14.83 -4.66 -19.49
CA ASN A 112 16.05 -5.45 -19.51
C ASN A 112 16.67 -5.60 -18.11
N LEU A 113 15.83 -5.73 -17.07
CA LEU A 113 16.37 -5.86 -15.70
C LEU A 113 17.37 -6.99 -15.50
N GLY A 114 17.19 -8.08 -16.23
CA GLY A 114 18.10 -9.19 -16.17
C GLY A 114 19.54 -8.76 -16.38
N ASP A 115 19.75 -7.75 -17.22
CA ASP A 115 21.11 -7.27 -17.48
C ASP A 115 21.69 -6.48 -16.33
N PHE A 116 20.85 -5.96 -15.44
CA PHE A 116 21.33 -5.10 -14.36
C PHE A 116 21.37 -5.73 -12.96
N ILE A 117 20.69 -6.86 -12.78
CA ILE A 117 20.62 -7.47 -11.48
C ILE A 117 21.96 -8.07 -11.06
N LEU A 118 22.44 -7.68 -9.88
CA LEU A 118 23.68 -8.23 -9.38
C LEU A 118 23.39 -9.53 -8.63
N MET A 119 24.02 -10.63 -9.07
CA MET A 119 23.86 -11.93 -8.42
C MET A 119 25.16 -12.73 -8.57
N SER A 120 25.30 -13.77 -7.77
CA SER A 120 26.51 -14.62 -7.82
C SER A 120 26.69 -15.34 -9.14
N VAL A 121 27.90 -15.81 -9.39
CA VAL A 121 28.19 -16.57 -10.59
C VAL A 121 27.29 -17.81 -10.63
N ALA A 122 27.19 -18.52 -9.50
CA ALA A 122 26.36 -19.72 -9.41
C ALA A 122 24.87 -19.41 -9.72
N GLU A 123 24.35 -18.32 -9.15
CA GLU A 123 22.95 -17.97 -9.42
C GLU A 123 22.76 -17.64 -10.91
N GLU A 124 23.73 -16.97 -11.55
CA GLU A 124 23.63 -16.76 -13.02
C GLU A 124 23.63 -18.09 -13.73
N ASN A 125 24.54 -18.97 -13.34
CA ASN A 125 24.64 -20.32 -13.91
C ASN A 125 23.34 -21.10 -13.74
N ASN A 126 22.61 -20.82 -12.65
CA ASN A 126 21.32 -21.45 -12.39
C ASN A 126 20.15 -20.75 -13.10
N GLY A 127 20.47 -19.85 -14.04
CA GLY A 127 19.45 -19.12 -14.82
C GLY A 127 18.76 -18.02 -14.04
N GLY A 128 19.48 -17.42 -13.09
CA GLY A 128 18.91 -16.37 -12.24
C GLY A 128 18.42 -15.14 -13.00
N LYS A 129 19.10 -14.79 -14.08
CA LYS A 129 18.72 -13.63 -14.89
C LYS A 129 17.34 -13.71 -15.53
N GLU A 130 16.82 -14.92 -15.79
N GLU A 130 16.85 -14.94 -15.75
CA GLU A 130 15.43 -15.03 -16.28
CA GLU A 130 15.54 -15.19 -16.32
C GLU A 130 14.42 -15.61 -15.31
C GLU A 130 14.46 -15.63 -15.32
N LYS A 131 14.79 -15.80 -14.05
CA LYS A 131 13.80 -16.29 -13.06
C LYS A 131 12.76 -15.20 -12.89
N PRO A 132 11.47 -15.54 -13.09
CA PRO A 132 10.49 -14.48 -12.95
C PRO A 132 10.39 -13.92 -11.55
N SER A 133 10.69 -14.73 -10.53
CA SER A 133 10.61 -14.24 -9.19
C SER A 133 11.72 -13.23 -8.94
N ILE A 134 12.89 -13.45 -9.53
CA ILE A 134 14.04 -12.55 -9.33
C ILE A 134 13.76 -11.22 -10.05
N LEU A 135 13.22 -11.32 -11.27
CA LEU A 135 12.90 -10.16 -12.11
C LEU A 135 11.82 -9.34 -11.45
N SER A 136 10.75 -10.01 -11.04
CA SER A 136 9.65 -9.37 -10.35
C SER A 136 10.09 -8.69 -9.07
N ASP A 137 10.87 -9.39 -8.27
CA ASP A 137 11.34 -8.80 -7.00
C ASP A 137 12.13 -7.51 -7.25
N ALA A 138 13.04 -7.55 -8.23
CA ALA A 138 13.89 -6.40 -8.54
C ALA A 138 13.05 -5.18 -8.99
N LEU A 139 12.04 -5.40 -9.83
CA LEU A 139 11.13 -4.29 -10.25
C LEU A 139 10.46 -3.67 -9.04
N GLU A 140 9.93 -4.54 -8.17
CA GLU A 140 9.30 -4.05 -6.96
C GLU A 140 10.27 -3.26 -6.14
N ALA A 141 11.52 -3.75 -6.01
CA ALA A 141 12.52 -3.07 -5.22
C ALA A 141 12.85 -1.69 -5.81
N ILE A 142 12.84 -1.57 -7.12
CA ILE A 142 13.09 -0.27 -7.79
C ILE A 142 11.97 0.72 -7.47
N ILE A 143 10.71 0.26 -7.52
CA ILE A 143 9.59 1.10 -7.22
C ILE A 143 9.62 1.53 -5.76
N GLY A 144 9.96 0.60 -4.84
CA GLY A 144 10.10 0.99 -3.43
C GLY A 144 11.21 2.02 -3.21
N ALA A 145 12.31 1.86 -3.91
CA ALA A 145 13.43 2.82 -3.79
C ALA A 145 13.03 4.23 -4.31
N ILE A 146 12.23 4.30 -5.38
CA ILE A 146 11.76 5.60 -5.93
C ILE A 146 10.81 6.24 -4.90
N HIS A 147 9.95 5.42 -4.30
CA HIS A 147 9.06 5.90 -3.26
C HIS A 147 9.84 6.51 -2.09
N LEU A 148 10.88 5.82 -1.61
CA LEU A 148 11.74 6.34 -0.54
C LEU A 148 12.43 7.67 -0.89
N GLU A 149 13.00 7.74 -2.09
CA GLU A 149 13.74 8.93 -2.51
C GLU A 149 12.89 10.10 -3.01
N ALA A 150 11.81 9.80 -3.75
CA ALA A 150 10.99 10.82 -4.43
C ALA A 150 9.56 10.94 -3.93
N GLY A 151 9.09 9.93 -3.20
CA GLY A 151 7.74 9.96 -2.63
C GLY A 151 6.76 9.13 -3.40
N PHE A 152 5.65 8.82 -2.75
CA PHE A 152 4.62 7.99 -3.35
C PHE A 152 4.10 8.49 -4.71
N GLU A 153 3.71 9.75 -4.77
CA GLU A 153 3.14 10.30 -6.03
C GLU A 153 4.08 10.11 -7.22
N PHE A 154 5.37 10.37 -7.02
CA PHE A 154 6.36 10.19 -8.06
C PHE A 154 6.44 8.68 -8.41
N ALA A 155 6.61 7.82 -7.40
CA ALA A 155 6.67 6.38 -7.68
C ALA A 155 5.41 5.89 -8.48
N LYS A 156 4.25 6.43 -8.13
CA LYS A 156 2.99 6.09 -8.77
C LYS A 156 3.00 6.41 -10.27
N THR A 157 3.48 7.59 -10.64
CA THR A 157 3.58 7.97 -12.03
C THR A 157 4.54 7.07 -12.79
N ILE A 158 5.66 6.70 -12.19
CA ILE A 158 6.62 5.82 -12.85
C ILE A 158 6.03 4.42 -13.08
N ALA A 159 5.38 3.88 -12.04
CA ALA A 159 4.77 2.55 -12.06
C ALA A 159 3.60 2.49 -13.04
N LEU A 160 2.76 3.52 -13.04
CA LEU A 160 1.61 3.53 -13.93
C LEU A 160 2.04 3.57 -15.39
N ARG A 161 3.12 4.29 -15.68
CA ARG A 161 3.63 4.34 -17.04
C ARG A 161 4.13 2.94 -17.47
N LEU A 162 4.81 2.23 -16.57
CA LEU A 162 5.34 0.91 -16.91
C LEU A 162 4.21 -0.07 -17.12
N ILE A 163 3.15 0.08 -16.34
CA ILE A 163 1.99 -0.78 -16.45
C ILE A 163 1.24 -0.49 -17.75
N GLU A 164 0.99 0.80 -18.02
CA GLU A 164 0.37 1.23 -19.28
C GLU A 164 1.10 0.65 -20.47
N LYS A 165 2.41 0.82 -20.50
CA LYS A 165 3.24 0.38 -21.66
C LYS A 165 3.27 -1.10 -21.91
N ASN A 166 2.97 -1.89 -20.88
CA ASN A 166 3.01 -3.33 -21.00
C ASN A 166 1.65 -4.01 -21.09
N PHE A 167 0.60 -3.31 -20.66
CA PHE A 167 -0.77 -3.83 -20.70
C PHE A 167 -1.71 -2.69 -21.10
N PRO A 168 -1.67 -2.30 -22.39
CA PRO A 168 -2.51 -1.18 -22.83
C PRO A 168 -4.01 -1.44 -22.65
N MET B 25 -23.66 14.66 9.58
CA MET B 25 -24.36 13.86 10.61
C MET B 25 -24.11 14.44 12.01
N LYS B 26 -24.98 14.09 12.95
CA LYS B 26 -24.88 14.56 14.32
C LYS B 26 -23.56 14.13 14.95
N ASN B 27 -22.93 15.06 15.67
CA ASN B 27 -21.66 14.82 16.36
C ASN B 27 -20.48 14.52 15.46
N ILE B 28 -20.62 14.74 14.15
CA ILE B 28 -19.52 14.46 13.23
C ILE B 28 -18.23 15.20 13.63
N GLU B 29 -18.40 16.37 14.27
N GLU B 29 -18.36 16.38 14.23
CA GLU B 29 -17.28 17.19 14.72
CA GLU B 29 -17.17 17.15 14.65
C GLU B 29 -16.43 16.47 15.78
C GLU B 29 -16.41 16.47 15.80
N LYS B 30 -17.06 15.55 16.51
CA LYS B 30 -16.38 14.80 17.56
C LYS B 30 -15.44 13.77 16.93
N LEU B 31 -15.89 13.16 15.83
CA LEU B 31 -15.10 12.15 15.12
C LEU B 31 -13.91 12.83 14.44
N GLU B 32 -14.15 13.99 13.83
CA GLU B 32 -13.07 14.77 13.20
C GLU B 32 -11.99 15.18 14.23
N GLN B 33 -12.40 15.48 15.46
N GLN B 33 -12.41 15.47 15.46
CA GLN B 33 -11.42 15.83 16.49
CA GLN B 33 -11.50 15.80 16.53
C GLN B 33 -10.67 14.58 16.99
C GLN B 33 -10.69 14.58 16.96
N SER B 34 -11.36 13.44 17.07
CA SER B 34 -10.70 12.18 17.45
C SER B 34 -9.65 11.76 16.40
N LEU B 35 -9.93 12.07 15.14
CA LEU B 35 -9.06 11.77 14.00
C LEU B 35 -7.96 12.80 13.77
N THR B 36 -8.20 14.03 14.24
CA THR B 36 -7.33 15.19 14.01
C THR B 36 -7.30 15.54 12.54
N TYR B 37 -8.45 15.41 11.90
CA TYR B 37 -8.59 15.75 10.50
C TYR B 37 -10.01 16.17 10.21
N GLU B 38 -10.15 17.32 9.55
CA GLU B 38 -11.45 17.81 9.17
C GLU B 38 -11.61 17.69 7.68
N PHE B 39 -12.70 17.05 7.28
CA PHE B 39 -12.97 16.84 5.89
C PHE B 39 -13.43 18.10 5.22
N LYS B 40 -12.98 18.26 3.99
CA LYS B 40 -13.39 19.35 3.14
C LYS B 40 -14.79 18.97 2.69
N ASP B 41 -14.95 17.71 2.26
CA ASP B 41 -16.26 17.23 1.85
C ASP B 41 -16.81 16.28 2.91
N LYS B 42 -17.75 16.78 3.71
CA LYS B 42 -18.36 16.00 4.79
C LYS B 42 -19.02 14.72 4.28
N ASN B 43 -19.57 14.75 3.07
CA ASN B 43 -20.24 13.58 2.50
C ASN B 43 -19.32 12.39 2.23
N LEU B 44 -18.02 12.66 2.12
CA LEU B 44 -17.06 11.59 1.89
C LEU B 44 -16.86 10.82 3.20
N LEU B 45 -16.79 11.54 4.32
CA LEU B 45 -16.69 10.88 5.62
C LEU B 45 -17.95 10.05 5.87
N ILE B 46 -19.11 10.61 5.53
CA ILE B 46 -20.39 9.90 5.69
C ILE B 46 -20.38 8.62 4.90
N HIS B 47 -19.88 8.71 3.67
CA HIS B 47 -19.75 7.56 2.76
C HIS B 47 -18.86 6.46 3.39
N ALA B 48 -17.71 6.85 3.96
CA ALA B 48 -16.81 5.89 4.60
C ALA B 48 -17.50 5.19 5.79
N LEU B 49 -18.42 5.90 6.44
CA LEU B 49 -19.17 5.41 7.57
C LEU B 49 -20.44 4.61 7.21
N THR B 50 -20.75 4.44 5.94
CA THR B 50 -21.98 3.80 5.52
C THR B 50 -21.84 2.30 5.23
N HIS B 51 -22.42 1.49 6.11
CA HIS B 51 -22.36 0.04 6.01
C HIS B 51 -23.23 -0.40 4.84
N LYS B 52 -22.85 -1.52 4.22
CA LYS B 52 -23.53 -2.05 3.05
C LYS B 52 -25.02 -2.38 3.23
N SER B 53 -25.46 -2.52 4.46
CA SER B 53 -26.85 -2.82 4.76
C SER B 53 -27.77 -1.59 4.71
N PHE B 54 -27.19 -0.38 4.70
CA PHE B 54 -27.96 0.88 4.88
C PHE B 54 -28.73 1.43 3.69
N LYS B 55 -28.08 1.55 2.55
CA LYS B 55 -28.70 2.13 1.38
C LYS B 55 -28.18 1.46 0.13
N LYS B 56 -29.09 1.12 -0.79
CA LYS B 56 -28.71 0.44 -2.01
C LYS B 56 -27.79 1.30 -2.89
N SER B 57 -26.74 0.67 -3.41
CA SER B 57 -25.76 1.33 -4.28
C SER B 57 -24.90 2.44 -3.65
N TYR B 58 -24.89 2.54 -2.33
CA TYR B 58 -24.09 3.55 -1.67
C TYR B 58 -23.57 2.95 -0.36
N ASN B 59 -22.28 2.64 -0.33
CA ASN B 59 -21.67 2.08 0.87
C ASN B 59 -20.15 2.30 0.89
N ASN B 60 -19.50 1.83 1.94
CA ASN B 60 -18.07 2.10 2.07
C ASN B 60 -17.13 1.00 1.59
N GLU B 61 -17.63 0.09 0.76
N GLU B 61 -17.63 0.06 0.80
CA GLU B 61 -16.83 -1.07 0.36
CA GLU B 61 -16.79 -1.08 0.35
C GLU B 61 -15.60 -0.69 -0.49
C GLU B 61 -15.59 -0.69 -0.50
N ARG B 62 -15.80 0.22 -1.44
CA ARG B 62 -14.69 0.65 -2.30
C ARG B 62 -13.67 1.44 -1.49
N LEU B 63 -14.14 2.29 -0.59
CA LEU B 63 -13.23 3.07 0.25
C LEU B 63 -12.42 2.15 1.20
N GLU B 64 -13.04 1.05 1.65
CA GLU B 64 -12.34 0.06 2.48
C GLU B 64 -11.24 -0.60 1.67
N PHE B 65 -11.56 -0.96 0.43
CA PHE B 65 -10.58 -1.55 -0.47
C PHE B 65 -9.38 -0.59 -0.60
N LEU B 66 -9.66 0.68 -0.88
CA LEU B 66 -8.60 1.68 -1.02
C LEU B 66 -7.80 1.88 0.28
N GLY B 67 -8.50 2.04 1.40
CA GLY B 67 -7.87 2.26 2.70
C GLY B 67 -7.00 1.10 3.16
N ASP B 68 -7.45 -0.11 2.88
CA ASP B 68 -6.70 -1.29 3.25
C ASP B 68 -5.32 -1.22 2.59
N ALA B 69 -5.28 -0.85 1.31
CA ALA B 69 -4.01 -0.72 0.58
C ALA B 69 -3.17 0.43 1.13
N VAL B 70 -3.83 1.55 1.49
CA VAL B 70 -3.14 2.70 2.09
C VAL B 70 -2.48 2.25 3.40
N LEU B 71 -3.26 1.60 4.25
CA LEU B 71 -2.74 1.07 5.51
C LEU B 71 -1.60 0.06 5.33
N ASP B 72 -1.68 -0.81 4.33
CA ASP B 72 -0.59 -1.75 4.07
C ASP B 72 0.73 -1.05 3.78
N LEU B 73 0.69 0.07 3.07
CA LEU B 73 1.90 0.86 2.76
C LEU B 73 2.38 1.67 3.97
N VAL B 74 1.46 2.28 4.70
CA VAL B 74 1.81 3.07 5.88
C VAL B 74 2.53 2.17 6.91
N VAL B 75 1.97 0.99 7.16
CA VAL B 75 2.56 0.05 8.10
C VAL B 75 3.82 -0.60 7.52
N GLY B 76 3.78 -1.00 6.25
CA GLY B 76 4.96 -1.53 5.60
C GLY B 76 6.14 -0.56 5.74
N GLU B 77 5.92 0.70 5.45
CA GLU B 77 6.98 1.70 5.52
C GLU B 77 7.48 1.91 6.97
N TYR B 78 6.55 1.99 7.93
CA TYR B 78 6.90 2.12 9.34
C TYR B 78 7.82 0.97 9.72
N LEU B 79 7.43 -0.25 9.38
CA LEU B 79 8.24 -1.41 9.71
C LEU B 79 9.63 -1.41 9.02
N PHE B 80 9.64 -1.02 7.74
CA PHE B 80 10.88 -0.93 6.95
C PHE B 80 11.92 -0.10 7.66
N HIS B 81 11.50 1.07 8.16
CA HIS B 81 12.43 1.95 8.85
C HIS B 81 12.75 1.47 10.26
N LYS B 82 11.73 1.02 11.00
CA LYS B 82 11.94 0.59 12.38
C LYS B 82 12.94 -0.53 12.51
N PHE B 83 12.84 -1.52 11.64
CA PHE B 83 13.72 -2.66 11.67
C PHE B 83 14.81 -2.65 10.60
N ALA B 84 15.18 -1.46 10.11
CA ALA B 84 16.21 -1.36 9.08
C ALA B 84 17.55 -2.02 9.46
N LYS B 85 17.86 -2.05 10.76
CA LYS B 85 19.14 -2.60 11.23
C LYS B 85 19.06 -4.09 11.60
N ASP B 86 17.85 -4.66 11.61
CA ASP B 86 17.68 -6.08 11.91
C ASP B 86 17.65 -6.93 10.66
N ALA B 87 18.71 -7.70 10.43
CA ALA B 87 18.77 -8.61 9.29
C ALA B 87 17.73 -9.72 9.49
N GLU B 88 17.40 -10.00 10.75
CA GLU B 88 16.43 -11.03 11.09
C GLU B 88 15.04 -10.41 11.26
N GLY B 89 14.02 -11.01 10.64
CA GLY B 89 12.64 -10.49 10.79
C GLY B 89 11.71 -10.65 9.61
N ASP B 90 10.54 -11.20 9.87
CA ASP B 90 9.52 -11.37 8.84
C ASP B 90 8.58 -10.18 8.94
N LEU B 91 8.87 -9.13 8.17
CA LEU B 91 8.07 -7.93 8.20
C LEU B 91 6.63 -8.15 7.76
N SER B 92 6.41 -9.10 6.86
CA SER B 92 5.07 -9.40 6.37
C SER B 92 4.17 -9.91 7.51
N LYS B 93 4.72 -10.75 8.39
CA LYS B 93 3.97 -11.28 9.51
C LYS B 93 3.71 -10.21 10.54
N LEU B 94 4.73 -9.38 10.83
CA LEU B 94 4.56 -8.30 11.79
C LEU B 94 3.49 -7.30 11.32
N ARG B 95 3.42 -7.06 10.01
CA ARG B 95 2.43 -6.13 9.47
C ARG B 95 1.01 -6.64 9.71
N ALA B 96 0.81 -7.92 9.41
CA ALA B 96 -0.48 -8.59 9.60
C ALA B 96 -0.93 -8.43 11.04
N ALA B 97 0.01 -8.55 11.97
CA ALA B 97 -0.31 -8.39 13.38
C ALA B 97 -0.83 -6.98 13.62
N LEU B 98 -0.31 -6.00 12.87
CA LEU B 98 -0.79 -4.63 13.05
C LEU B 98 -2.03 -4.27 12.28
N VAL B 99 -2.28 -4.87 11.13
CA VAL B 99 -3.43 -4.44 10.31
C VAL B 99 -4.61 -5.42 10.27
N ASN B 100 -4.62 -6.41 11.15
CA ASN B 100 -5.69 -7.37 11.12
C ASN B 100 -7.01 -6.79 11.72
N GLU B 101 -8.09 -7.53 11.54
CA GLU B 101 -9.40 -7.08 11.97
C GLU B 101 -9.46 -6.66 13.42
N LYS B 102 -8.84 -7.45 14.27
CA LYS B 102 -8.88 -7.20 15.69
C LYS B 102 -8.14 -5.92 16.08
N SER B 103 -7.00 -5.65 15.45
CA SER B 103 -6.27 -4.41 15.75
C SER B 103 -7.07 -3.21 15.28
N PHE B 104 -7.63 -3.31 14.06
CA PHE B 104 -8.40 -2.19 13.53
C PHE B 104 -9.73 -1.95 14.26
N ALA B 105 -10.33 -3.02 14.77
CA ALA B 105 -11.56 -2.92 15.53
C ALA B 105 -11.25 -2.16 16.80
N LYS B 106 -10.06 -2.40 17.36
CA LYS B 106 -9.67 -1.70 18.59
C LYS B 106 -9.45 -0.20 18.32
N ILE B 107 -8.74 0.13 17.26
CA ILE B 107 -8.50 1.54 16.89
C ILE B 107 -9.84 2.19 16.63
N ALA B 108 -10.72 1.45 15.96
CA ALA B 108 -12.05 1.94 15.64
C ALA B 108 -12.84 2.28 16.90
N ASN B 109 -12.79 1.41 17.92
CA ASN B 109 -13.46 1.68 19.18
C ASN B 109 -12.84 2.87 19.94
N SER B 110 -11.55 3.10 19.80
CA SER B 110 -10.99 4.28 20.46
C SER B 110 -11.49 5.57 19.76
N LEU B 111 -12.13 5.42 18.60
CA LEU B 111 -12.71 6.56 17.90
C LEU B 111 -14.23 6.60 18.08
N ASN B 112 -14.77 5.61 18.80
CA ASN B 112 -16.21 5.48 18.97
C ASN B 112 -16.92 5.35 17.61
N LEU B 113 -16.25 4.75 16.61
CA LEU B 113 -16.88 4.63 15.29
C LEU B 113 -18.23 3.95 15.34
N GLY B 114 -18.43 3.08 16.31
CA GLY B 114 -19.71 2.38 16.44
C GLY B 114 -20.89 3.35 16.58
N ASP B 115 -20.66 4.52 17.17
CA ASP B 115 -21.71 5.53 17.35
C ASP B 115 -21.98 6.30 16.08
N PHE B 116 -21.06 6.20 15.11
CA PHE B 116 -21.21 6.97 13.88
C PHE B 116 -21.59 6.16 12.65
N ILE B 117 -21.34 4.86 12.68
CA ILE B 117 -21.57 4.02 11.48
C ILE B 117 -23.06 3.96 11.15
N LEU B 118 -23.37 4.09 9.86
CA LEU B 118 -24.74 4.04 9.41
C LEU B 118 -25.07 2.64 8.94
N MET B 119 -26.09 2.04 9.55
CA MET B 119 -26.50 0.70 9.21
C MET B 119 -28.01 0.54 9.41
N SER B 120 -28.59 -0.46 8.74
CA SER B 120 -30.02 -0.73 8.85
C SER B 120 -30.40 -1.06 10.29
N VAL B 121 -31.71 -0.95 10.60
CA VAL B 121 -32.24 -1.25 11.95
C VAL B 121 -31.91 -2.69 12.31
N ALA B 122 -32.17 -3.60 11.38
CA ALA B 122 -31.90 -5.05 11.59
C ALA B 122 -30.41 -5.35 11.88
N GLU B 123 -29.50 -4.64 11.22
CA GLU B 123 -28.07 -4.88 11.41
C GLU B 123 -27.67 -4.36 12.77
N GLU B 124 -28.21 -3.22 13.13
CA GLU B 124 -27.91 -2.65 14.42
C GLU B 124 -28.52 -3.57 15.53
N ASN B 125 -29.70 -4.14 15.30
CA ASN B 125 -30.27 -5.10 16.26
C ASN B 125 -29.48 -6.41 16.31
N ASN B 126 -28.76 -6.75 15.23
CA ASN B 126 -27.93 -7.96 15.20
C ASN B 126 -26.54 -7.73 15.84
N GLY B 127 -26.33 -6.57 16.49
CA GLY B 127 -25.05 -6.24 17.15
C GLY B 127 -24.01 -5.64 16.21
N GLY B 128 -24.48 -5.06 15.10
CA GLY B 128 -23.60 -4.49 14.09
C GLY B 128 -22.61 -3.44 14.58
N LYS B 129 -23.03 -2.63 15.54
CA LYS B 129 -22.18 -1.57 16.05
C LYS B 129 -20.93 -2.08 16.75
N GLU B 130 -20.96 -3.34 17.16
CA GLU B 130 -19.84 -3.95 17.85
C GLU B 130 -19.18 -5.05 17.04
N LYS B 131 -19.64 -5.31 15.82
CA LYS B 131 -18.95 -6.33 15.00
C LYS B 131 -17.56 -5.85 14.60
N PRO B 132 -16.53 -6.61 14.98
CA PRO B 132 -15.18 -6.18 14.62
C PRO B 132 -14.96 -6.00 13.12
N SER B 133 -15.58 -6.79 12.26
CA SER B 133 -15.34 -6.58 10.82
C SER B 133 -15.94 -5.24 10.33
N ILE B 134 -17.08 -4.83 10.90
CA ILE B 134 -17.75 -3.60 10.51
C ILE B 134 -16.95 -2.42 10.97
N LEU B 135 -16.47 -2.50 12.21
CA LEU B 135 -15.64 -1.45 12.82
C LEU B 135 -14.35 -1.29 12.03
N SER B 136 -13.70 -2.41 11.78
CA SER B 136 -12.46 -2.45 11.00
C SER B 136 -12.62 -1.87 9.58
N ASP B 137 -13.64 -2.32 8.84
CA ASP B 137 -13.91 -1.82 7.49
C ASP B 137 -14.14 -0.29 7.47
N ALA B 138 -14.86 0.23 8.46
CA ALA B 138 -15.13 1.66 8.55
C ALA B 138 -13.84 2.46 8.79
N LEU B 139 -12.96 1.96 9.64
CA LEU B 139 -11.68 2.62 9.87
C LEU B 139 -10.89 2.72 8.56
N GLU B 140 -10.79 1.59 7.87
CA GLU B 140 -10.08 1.53 6.62
C GLU B 140 -10.68 2.48 5.59
N ALA B 141 -12.00 2.51 5.48
CA ALA B 141 -12.63 3.39 4.50
C ALA B 141 -12.34 4.85 4.86
N ILE B 142 -12.28 5.18 6.13
CA ILE B 142 -11.99 6.53 6.54
C ILE B 142 -10.56 6.92 6.13
N ILE B 143 -9.62 6.03 6.36
CA ILE B 143 -8.22 6.31 5.98
C ILE B 143 -8.15 6.41 4.48
N GLY B 144 -8.92 5.57 3.78
CA GLY B 144 -8.99 5.63 2.33
C GLY B 144 -9.59 6.97 1.89
N ALA B 145 -10.58 7.47 2.65
CA ALA B 145 -11.26 8.76 2.34
C ALA B 145 -10.26 9.92 2.45
N ILE B 146 -9.46 9.90 3.50
CA ILE B 146 -8.45 10.91 3.76
C ILE B 146 -7.38 10.92 2.68
N HIS B 147 -6.91 9.74 2.29
CA HIS B 147 -5.92 9.62 1.25
C HIS B 147 -6.44 10.25 -0.05
N LEU B 148 -7.70 9.98 -0.34
CA LEU B 148 -8.35 10.46 -1.54
C LEU B 148 -8.47 11.98 -1.54
N GLU B 149 -8.81 12.55 -0.38
CA GLU B 149 -9.05 13.96 -0.26
C GLU B 149 -7.78 14.78 -0.04
N ALA B 150 -6.87 14.27 0.79
CA ALA B 150 -5.65 15.01 1.17
C ALA B 150 -4.31 14.43 0.72
N GLY B 151 -4.31 13.29 0.02
CA GLY B 151 -3.05 12.68 -0.41
C GLY B 151 -2.45 11.70 0.59
N PHE B 152 -1.54 10.86 0.10
CA PHE B 152 -0.96 9.80 0.91
C PHE B 152 -0.23 10.25 2.17
N GLU B 153 0.69 11.20 2.05
CA GLU B 153 1.43 11.64 3.25
C GLU B 153 0.51 12.12 4.35
N PHE B 154 -0.58 12.75 3.99
CA PHE B 154 -1.51 13.18 5.02
C PHE B 154 -2.23 11.99 5.67
N ALA B 155 -2.69 11.04 4.85
CA ALA B 155 -3.35 9.82 5.36
C ALA B 155 -2.38 9.08 6.29
N LYS B 156 -1.12 9.07 5.88
CA LYS B 156 -0.06 8.42 6.66
C LYS B 156 0.04 9.00 8.05
N THR B 157 0.16 10.32 8.13
CA THR B 157 0.32 10.99 9.41
C THR B 157 -0.84 10.67 10.35
N ILE B 158 -2.05 10.69 9.81
CA ILE B 158 -3.22 10.40 10.61
C ILE B 158 -3.19 8.96 11.11
N ALA B 159 -2.82 8.06 10.21
CA ALA B 159 -2.82 6.63 10.49
C ALA B 159 -1.74 6.27 11.49
N LEU B 160 -0.53 6.76 11.29
CA LEU B 160 0.56 6.46 12.21
C LEU B 160 0.24 6.97 13.60
N ARG B 161 -0.41 8.12 13.67
N ARG B 161 -0.40 8.13 13.69
CA ARG B 161 -0.83 8.69 14.95
CA ARG B 161 -0.78 8.67 14.99
C ARG B 161 -1.83 7.76 15.63
C ARG B 161 -1.86 7.80 15.65
N LEU B 162 -2.81 7.26 14.88
CA LEU B 162 -3.83 6.37 15.44
C LEU B 162 -3.21 5.04 15.93
N ILE B 163 -2.27 4.50 15.16
CA ILE B 163 -1.61 3.26 15.55
C ILE B 163 -0.73 3.47 16.80
N GLU B 164 0.01 4.57 16.85
CA GLU B 164 0.88 4.83 18.00
C GLU B 164 0.02 5.03 19.26
N LYS B 165 -1.10 5.73 19.14
CA LYS B 165 -1.97 5.98 20.30
C LYS B 165 -2.57 4.71 20.89
N ASN B 166 -2.89 3.75 20.05
CA ASN B 166 -3.50 2.51 20.52
C ASN B 166 -2.47 1.41 20.82
N PHE B 167 -1.36 1.39 20.09
CA PHE B 167 -0.32 0.35 20.26
C PHE B 167 1.07 0.95 20.45
N PRO B 168 1.28 1.67 21.55
CA PRO B 168 2.61 2.21 21.72
C PRO B 168 3.59 1.07 21.98
N GLN B 169 4.70 1.09 21.26
CA GLN B 169 5.73 0.08 21.43
C GLN B 169 6.69 0.52 22.52
N ILE B 170 7.50 -0.43 23.01
CA ILE B 170 8.48 -0.18 24.06
C ILE B 170 9.86 -0.06 23.42
N ASP B 171 10.55 1.08 23.53
CA ASP B 171 10.09 2.32 24.18
C ASP B 171 9.26 2.14 25.46
#